data_8C72
#
_entry.id   8C72
#
_cell.length_a   45.400
_cell.length_b   73.880
_cell.length_c   53.130
_cell.angle_alpha   90.000
_cell.angle_beta   110.080
_cell.angle_gamma   90.000
#
_symmetry.space_group_name_H-M   'P 1 21 1'
#
loop_
_entity.id
_entity.type
_entity.pdbx_description
1 polymer Endothiapepsin
2 non-polymer GLYCEROL
3 non-polymer (3~{S},4~{S})-4-(4-pyridin-2-yl-1,2,3-triazol-1-yl)piperidin-3-ol
4 water water
#
_entity_poly.entity_id   1
_entity_poly.type   'polypeptide(L)'
_entity_poly.pdbx_seq_one_letter_code
;MSSPLKNALVTAMLAGGALSSPTKQHVGIPVNASPEVGPGKYSFKQVRNPNYKFNGPLSVKKTYLKYGVPIPAWLEDAVQ
NSTSGLAERSTGSATTTPIDSLDDAYITPVQIGTPAQTLNLDFDTGSSDLWVFSSETTASEVDGQTIYTPSKSTTAKLLS
GATWSISYGDGSSSSGDVYTDTVSVGGLTVTGQAVESAKKVSSSFTEDSTIDGLLGLAFSTLNTVSPTQQKTFFDNAKAS
LDSPVFTADLGYHAPGTYNFGFIDTTAYTGSITYTAVSTKQGFWEWTSTGYAVGSGTFKSTSIDGIADTGTTLLYLPATV
VSAYWAQVSGAKSSSSVGGYVFPCSATLPSFTFGVGSARIVIPGDYIDFGPISTGSSSCFGGIQSSAGIGINIFGDVALK
AAFVVFNGATTPTLGFASK
;
_entity_poly.pdbx_strand_id   A
#
loop_
_chem_comp.id
_chem_comp.type
_chem_comp.name
_chem_comp.formula
GOL non-polymer GLYCEROL 'C3 H8 O3'
TW0 non-polymer (3~{S},4~{S})-4-(4-pyridin-2-yl-1,2,3-triazol-1-yl)piperidin-3-ol 'C12 H15 N5 O'
#
# COMPACT_ATOMS: atom_id res chain seq x y z
N SER A 90 20.34 8.41 10.18
CA SER A 90 19.64 7.25 10.75
CA SER A 90 19.72 7.30 10.74
C SER A 90 18.98 6.42 9.68
N THR A 91 18.66 5.17 10.04
CA THR A 91 17.92 4.26 9.19
C THR A 91 16.96 3.45 10.05
N GLY A 92 16.00 2.82 9.38
CA GLY A 92 15.16 1.80 10.00
C GLY A 92 14.93 0.68 9.02
N SER A 93 14.63 -0.50 9.56
CA SER A 93 14.35 -1.66 8.71
C SER A 93 13.38 -2.55 9.47
N ALA A 94 12.24 -2.88 8.87
CA ALA A 94 11.24 -3.73 9.52
C ALA A 94 10.71 -4.75 8.52
N THR A 95 10.42 -5.95 9.04
CA THR A 95 9.82 -6.99 8.23
C THR A 95 8.34 -6.74 8.09
N THR A 96 7.83 -6.94 6.87
CA THR A 96 6.41 -6.84 6.58
C THR A 96 5.92 -8.22 6.17
N THR A 97 4.74 -8.59 6.66
CA THR A 97 4.25 -9.95 6.57
C THR A 97 2.84 -9.96 5.97
N PRO A 98 2.55 -10.86 5.03
CA PRO A 98 1.17 -10.96 4.54
C PRO A 98 0.22 -11.36 5.65
N ILE A 99 -0.98 -10.77 5.64
CA ILE A 99 -1.93 -11.05 6.71
C ILE A 99 -2.61 -12.41 6.57
N ASP A 100 -2.56 -13.02 5.39
CA ASP A 100 -3.28 -14.25 5.11
C ASP A 100 -2.62 -14.93 3.91
N SER A 101 -3.20 -16.07 3.51
CA SER A 101 -2.60 -16.90 2.47
C SER A 101 -2.74 -16.31 1.09
N LEU A 102 -3.53 -15.25 0.93
CA LEU A 102 -3.72 -14.62 -0.36
C LEU A 102 -2.94 -13.33 -0.51
N ASP A 103 -2.15 -12.95 0.50
CA ASP A 103 -1.45 -11.67 0.46
C ASP A 103 -2.46 -10.52 0.33
N ASP A 104 -3.55 -10.59 1.09
CA ASP A 104 -4.58 -9.55 0.96
C ASP A 104 -4.11 -8.19 1.46
N ALA A 105 -3.11 -8.16 2.32
CA ALA A 105 -2.52 -6.94 2.85
C ALA A 105 -1.28 -7.39 3.59
N TYR A 106 -0.49 -6.41 4.03
CA TYR A 106 0.77 -6.65 4.72
C TYR A 106 0.78 -5.85 6.01
N ILE A 107 1.30 -6.45 7.08
CA ILE A 107 1.43 -5.78 8.36
C ILE A 107 2.89 -5.69 8.76
N THR A 108 3.21 -4.58 9.45
CA THR A 108 4.57 -4.26 9.86
C THR A 108 4.48 -3.80 11.31
N PRO A 109 5.30 -4.35 12.21
CA PRO A 109 5.21 -3.96 13.62
C PRO A 109 5.75 -2.54 13.81
N VAL A 110 5.05 -1.78 14.65
CA VAL A 110 5.37 -0.38 14.95
CA VAL A 110 5.45 -0.33 14.94
C VAL A 110 5.29 -0.19 16.46
N GLN A 111 6.32 0.44 17.04
CA GLN A 111 6.34 0.75 18.46
C GLN A 111 5.78 2.15 18.70
N ILE A 112 4.78 2.27 19.56
CA ILE A 112 4.15 3.56 19.85
C ILE A 112 4.19 3.79 21.34
N GLY A 113 4.69 4.95 21.76
CA GLY A 113 4.58 5.34 23.15
C GLY A 113 5.70 4.83 24.04
N THR A 114 5.56 5.17 25.33
CA THR A 114 6.56 4.85 26.36
C THR A 114 5.86 4.36 27.61
N PRO A 115 6.11 3.12 28.05
CA PRO A 115 6.83 2.05 27.35
C PRO A 115 6.15 1.75 26.02
N ALA A 116 6.90 1.11 25.12
CA ALA A 116 6.38 0.84 23.79
C ALA A 116 5.11 -0.01 23.85
N GLN A 117 4.17 0.33 22.99
CA GLN A 117 3.02 -0.50 22.66
C GLN A 117 3.20 -0.88 21.20
N THR A 118 3.39 -2.18 20.92
CA THR A 118 3.65 -2.60 19.55
C THR A 118 2.34 -2.96 18.88
N LEU A 119 2.04 -2.29 17.77
CA LEU A 119 0.86 -2.54 16.96
C LEU A 119 1.32 -2.94 15.57
N ASN A 120 0.52 -3.77 14.89
CA ASN A 120 0.85 -4.23 13.55
C ASN A 120 0.05 -3.39 12.56
N LEU A 121 0.75 -2.51 11.84
CA LEU A 121 0.08 -1.53 10.99
C LEU A 121 0.24 -1.88 9.52
N ASP A 122 -0.74 -1.43 8.75
CA ASP A 122 -0.73 -1.57 7.29
C ASP A 122 -0.09 -0.31 6.71
N PHE A 123 1.16 -0.45 6.24
CA PHE A 123 1.88 0.68 5.65
C PHE A 123 1.27 0.99 4.29
N ASP A 124 0.83 2.23 4.10
CA ASP A 124 -0.06 2.57 3.00
C ASP A 124 0.50 3.78 2.24
N THR A 125 1.18 3.54 1.11
CA THR A 125 1.70 4.65 0.31
C THR A 125 0.61 5.38 -0.46
N GLY A 126 -0.66 4.98 -0.32
CA GLY A 126 -1.78 5.68 -0.90
C GLY A 126 -2.57 6.56 0.04
N SER A 127 -2.14 6.73 1.29
CA SER A 127 -2.82 7.64 2.21
C SER A 127 -1.79 8.21 3.17
N SER A 128 -2.24 9.15 4.02
CA SER A 128 -1.28 9.99 4.75
C SER A 128 -1.63 10.17 6.21
N ASP A 129 -2.38 9.25 6.78
CA ASP A 129 -2.74 9.27 8.18
C ASP A 129 -2.16 8.04 8.86
N LEU A 130 -1.60 8.23 10.04
CA LEU A 130 -1.17 7.13 10.91
C LEU A 130 -2.27 7.03 11.96
N TRP A 131 -3.13 6.02 11.82
CA TRP A 131 -4.23 5.87 12.75
C TRP A 131 -4.23 4.47 13.32
N VAL A 132 -4.75 4.34 14.54
CA VAL A 132 -4.70 3.08 15.29
C VAL A 132 -6.02 2.79 16.00
N PHE A 133 -6.33 1.50 16.08
CA PHE A 133 -7.30 1.04 17.07
C PHE A 133 -6.80 1.45 18.44
N SER A 134 -7.73 1.79 19.33
CA SER A 134 -7.34 2.44 20.58
CA SER A 134 -7.31 2.38 20.59
C SER A 134 -8.29 2.04 21.70
N SER A 135 -7.88 2.41 22.92
CA SER A 135 -8.77 2.29 24.08
C SER A 135 -10.01 3.16 23.93
N GLU A 136 -10.00 4.11 23.00
CA GLU A 136 -11.12 5.00 22.72
C GLU A 136 -12.05 4.44 21.64
N THR A 137 -11.68 3.36 20.96
CA THR A 137 -12.51 2.85 19.88
C THR A 137 -13.77 2.22 20.46
N THR A 138 -14.92 2.55 19.87
CA THR A 138 -16.19 1.96 20.29
C THR A 138 -16.03 0.46 20.46
N ALA A 139 -16.43 -0.04 21.63
CA ALA A 139 -16.07 -1.41 22.00
C ALA A 139 -16.58 -2.43 21.00
N SER A 140 -17.80 -2.25 20.51
CA SER A 140 -18.38 -3.20 19.57
C SER A 140 -17.68 -3.20 18.23
N GLU A 141 -16.80 -2.22 17.97
CA GLU A 141 -16.05 -2.15 16.73
C GLU A 141 -14.64 -2.68 16.85
N VAL A 142 -14.28 -3.23 18.01
CA VAL A 142 -13.00 -3.88 18.21
C VAL A 142 -13.25 -5.38 18.32
N ASP A 143 -12.53 -6.16 17.51
CA ASP A 143 -12.70 -7.60 17.50
C ASP A 143 -11.34 -8.27 17.23
N GLY A 144 -10.48 -8.27 18.25
CA GLY A 144 -9.22 -8.98 18.18
C GLY A 144 -8.00 -8.13 17.91
N GLN A 145 -8.18 -6.87 17.51
CA GLN A 145 -7.05 -6.00 17.25
C GLN A 145 -6.32 -5.66 18.55
N THR A 146 -5.03 -5.38 18.43
CA THR A 146 -4.29 -4.76 19.51
C THR A 146 -4.53 -3.27 19.51
N ILE A 147 -4.77 -2.72 20.69
CA ILE A 147 -5.13 -1.31 20.83
C ILE A 147 -3.98 -0.51 21.43
N TYR A 148 -3.93 0.76 21.02
CA TYR A 148 -3.09 1.78 21.65
C TYR A 148 -3.88 2.41 22.79
N THR A 149 -3.27 2.47 23.97
CA THR A 149 -3.89 3.11 25.13
C THR A 149 -3.05 4.33 25.48
N PRO A 150 -3.42 5.52 25.03
CA PRO A 150 -2.54 6.67 25.25
C PRO A 150 -2.34 6.98 26.72
N SER A 151 -3.31 6.69 27.58
CA SER A 151 -3.16 7.02 28.99
C SER A 151 -2.04 6.21 29.65
N LYS A 152 -1.60 5.12 29.03
CA LYS A 152 -0.48 4.33 29.54
C LYS A 152 0.85 4.71 28.93
N SER A 153 0.87 5.70 28.04
CA SER A 153 2.11 6.19 27.44
C SER A 153 2.51 7.50 28.09
N THR A 154 3.66 7.51 28.74
CA THR A 154 4.09 8.71 29.44
C THR A 154 4.52 9.81 28.49
N THR A 155 4.71 9.50 27.21
CA THR A 155 5.07 10.50 26.22
C THR A 155 3.89 10.95 25.36
N ALA A 156 2.70 10.36 25.54
CA ALA A 156 1.54 10.78 24.77
C ALA A 156 1.02 12.12 25.25
N LYS A 157 0.63 12.96 24.30
CA LYS A 157 0.00 14.24 24.60
C LYS A 157 -1.19 14.43 23.68
N LEU A 158 -2.36 14.71 24.25
CA LEU A 158 -3.52 14.99 23.42
C LEU A 158 -3.27 16.26 22.61
N LEU A 159 -3.54 16.21 21.32
CA LEU A 159 -3.41 17.38 20.45
C LEU A 159 -4.73 18.14 20.54
N SER A 160 -4.71 19.28 21.22
CA SER A 160 -5.95 19.96 21.60
C SER A 160 -6.79 20.35 20.39
N GLY A 161 -8.04 19.93 20.40
CA GLY A 161 -8.99 20.31 19.37
C GLY A 161 -8.86 19.57 18.07
N ALA A 162 -7.93 18.63 17.96
CA ALA A 162 -7.68 17.99 16.67
C ALA A 162 -8.51 16.73 16.50
N THR A 163 -9.11 16.59 15.32
CA THR A 163 -9.84 15.39 14.97
C THR A 163 -9.39 14.96 13.58
N TRP A 164 -9.76 13.75 13.22
CA TRP A 164 -9.47 13.21 11.89
C TRP A 164 -10.62 12.34 11.45
N SER A 165 -10.74 12.18 10.13
CA SER A 165 -11.78 11.36 9.56
C SER A 165 -11.36 11.04 8.14
N ILE A 166 -11.33 9.76 7.81
CA ILE A 166 -10.82 9.35 6.51
C ILE A 166 -11.75 8.32 5.91
N SER A 167 -11.80 8.30 4.59
CA SER A 167 -12.50 7.29 3.82
CA SER A 167 -12.48 7.27 3.84
C SER A 167 -11.54 6.72 2.80
N TYR A 168 -11.69 5.45 2.50
CA TYR A 168 -10.84 4.75 1.54
C TYR A 168 -11.69 4.25 0.37
N GLY A 169 -11.01 3.93 -0.73
CA GLY A 169 -11.70 3.63 -1.97
C GLY A 169 -12.43 2.31 -1.98
N ASP A 170 -12.21 1.46 -0.99
CA ASP A 170 -12.99 0.24 -0.82
C ASP A 170 -14.27 0.48 -0.03
N GLY A 171 -14.61 1.72 0.28
CA GLY A 171 -15.82 2.01 1.03
C GLY A 171 -15.65 2.03 2.54
N SER A 172 -14.44 1.80 3.05
CA SER A 172 -14.20 1.79 4.48
C SER A 172 -13.86 3.20 4.98
N SER A 173 -13.83 3.33 6.31
CA SER A 173 -13.63 4.65 6.93
C SER A 173 -13.28 4.47 8.40
N SER A 174 -12.76 5.56 8.98
CA SER A 174 -12.46 5.61 10.41
C SER A 174 -12.28 7.07 10.79
N SER A 175 -12.37 7.35 12.09
CA SER A 175 -12.27 8.73 12.57
C SER A 175 -11.96 8.74 14.07
N GLY A 176 -11.51 9.90 14.56
CA GLY A 176 -11.25 9.99 15.99
C GLY A 176 -10.53 11.27 16.38
N ASP A 177 -9.73 11.18 17.44
CA ASP A 177 -8.95 12.29 17.98
C ASP A 177 -7.47 12.00 17.79
N VAL A 178 -6.61 12.86 18.31
CA VAL A 178 -5.20 12.85 17.92
C VAL A 178 -4.31 13.04 19.14
N TYR A 179 -3.29 12.21 19.25
CA TYR A 179 -2.21 12.37 20.22
C TYR A 179 -0.93 12.61 19.44
N THR A 180 0.04 13.26 20.07
CA THR A 180 1.42 13.11 19.62
C THR A 180 2.12 12.14 20.55
N ASP A 181 3.03 11.33 19.97
CA ASP A 181 3.74 10.36 20.77
C ASP A 181 4.98 9.94 20.00
N THR A 182 5.82 9.16 20.66
CA THR A 182 7.01 8.59 20.03
CA THR A 182 7.00 8.61 20.01
C THR A 182 6.64 7.36 19.24
N VAL A 183 7.10 7.28 18.00
CA VAL A 183 6.80 6.15 17.12
CA VAL A 183 6.81 6.14 17.13
C VAL A 183 8.11 5.65 16.53
N SER A 184 8.33 4.34 16.61
CA SER A 184 9.53 3.75 16.05
C SER A 184 9.18 2.63 15.10
N VAL A 185 9.90 2.57 13.98
CA VAL A 185 9.75 1.52 12.98
C VAL A 185 11.12 0.94 12.74
N GLY A 186 11.31 -0.33 13.10
CA GLY A 186 12.52 -0.99 12.70
C GLY A 186 13.76 -0.30 13.18
N GLY A 187 13.69 0.32 14.37
CA GLY A 187 14.83 1.01 14.93
C GLY A 187 14.95 2.50 14.61
N LEU A 188 14.09 3.05 13.76
CA LEU A 188 14.05 4.47 13.44
C LEU A 188 12.97 5.12 14.30
N THR A 189 13.32 6.16 15.05
CA THR A 189 12.42 6.77 16.01
C THR A 189 12.08 8.20 15.62
N VAL A 190 10.79 8.51 15.66
CA VAL A 190 10.27 9.88 15.51
C VAL A 190 9.59 10.27 16.80
N THR A 191 9.98 11.40 17.38
CA THR A 191 9.25 11.96 18.50
C THR A 191 8.21 12.95 17.99
N GLY A 192 7.12 13.09 18.74
CA GLY A 192 6.10 14.04 18.33
C GLY A 192 5.33 13.66 17.10
N GLN A 193 5.28 12.38 16.76
CA GLN A 193 4.45 11.93 15.63
C GLN A 193 2.98 12.03 15.99
N ALA A 194 2.16 12.53 15.05
CA ALA A 194 0.72 12.47 15.25
C ALA A 194 0.23 11.03 15.10
N VAL A 195 -0.38 10.54 16.16
CA VAL A 195 -0.97 9.20 16.23
C VAL A 195 -2.47 9.43 16.36
N GLU A 196 -3.19 9.04 15.32
CA GLU A 196 -4.61 9.33 15.22
C GLU A 196 -5.36 8.16 15.85
N SER A 197 -5.98 8.40 16.99
CA SER A 197 -6.63 7.35 17.75
C SER A 197 -8.07 7.23 17.29
N ALA A 198 -8.46 6.03 16.87
CA ALA A 198 -9.82 5.84 16.35
C ALA A 198 -10.85 5.81 17.47
N LYS A 199 -11.92 6.57 17.26
CA LYS A 199 -13.11 6.45 18.10
C LYS A 199 -14.12 5.55 17.34
N LYS A 200 -14.10 5.57 16.01
CA LYS A 200 -14.99 4.80 15.17
C LYS A 200 -14.20 4.21 14.02
N VAL A 201 -14.53 2.96 13.66
CA VAL A 201 -14.01 2.33 12.46
C VAL A 201 -15.18 1.62 11.77
N SER A 202 -15.08 1.50 10.45
CA SER A 202 -16.11 0.79 9.70
C SER A 202 -15.93 -0.72 9.78
N SER A 203 -16.95 -1.44 9.28
CA SER A 203 -17.05 -2.88 9.53
C SER A 203 -15.85 -3.64 8.97
N SER A 204 -15.32 -3.22 7.81
CA SER A 204 -14.20 -3.99 7.24
C SER A 204 -12.99 -3.96 8.16
N PHE A 205 -12.75 -2.82 8.82
CA PHE A 205 -11.64 -2.77 9.77
C PHE A 205 -11.90 -3.66 10.97
N THR A 206 -13.11 -3.58 11.54
CA THR A 206 -13.45 -4.44 12.67
C THR A 206 -13.25 -5.91 12.32
N GLU A 207 -13.66 -6.29 11.12
CA GLU A 207 -13.65 -7.68 10.69
C GLU A 207 -12.26 -8.20 10.38
N ASP A 208 -11.27 -7.34 10.29
CA ASP A 208 -9.89 -7.76 10.02
C ASP A 208 -9.10 -7.66 11.32
N SER A 209 -9.05 -8.76 12.05
CA SER A 209 -8.38 -8.79 13.33
C SER A 209 -6.87 -8.64 13.24
N THR A 210 -6.29 -8.75 12.05
CA THR A 210 -4.84 -8.75 11.89
C THR A 210 -4.25 -7.35 11.73
N ILE A 211 -5.08 -6.33 11.47
CA ILE A 211 -4.59 -5.00 11.16
C ILE A 211 -5.02 -4.06 12.27
N ASP A 212 -4.04 -3.51 12.98
CA ASP A 212 -4.28 -2.65 14.13
C ASP A 212 -4.37 -1.17 13.77
N GLY A 213 -4.23 -0.84 12.50
CA GLY A 213 -4.26 0.54 12.05
C GLY A 213 -3.43 0.65 10.79
N LEU A 214 -3.31 1.88 10.31
CA LEU A 214 -2.62 2.20 9.07
C LEU A 214 -1.51 3.18 9.37
N LEU A 215 -0.42 3.08 8.59
CA LEU A 215 0.66 4.07 8.65
C LEU A 215 0.79 4.65 7.24
N GLY A 216 0.29 5.87 7.05
CA GLY A 216 0.29 6.47 5.73
C GLY A 216 1.65 6.97 5.30
N LEU A 217 1.96 6.74 4.03
CA LEU A 217 3.24 7.07 3.43
C LEU A 217 3.08 7.83 2.12
N ALA A 218 1.87 8.31 1.80
CA ALA A 218 1.67 9.27 0.71
C ALA A 218 2.09 10.65 1.21
N PHE A 219 1.79 11.71 0.45
CA PHE A 219 2.31 13.02 0.80
C PHE A 219 1.44 13.66 1.88
N SER A 220 2.08 14.44 2.75
CA SER A 220 1.38 14.99 3.92
C SER A 220 0.23 15.92 3.55
N THR A 221 0.20 16.44 2.32
CA THR A 221 -0.93 17.24 1.88
C THR A 221 -2.27 16.51 2.00
N LEU A 222 -2.27 15.17 2.00
CA LEU A 222 -3.52 14.41 2.12
C LEU A 222 -3.90 14.13 3.58
N ASN A 223 -3.08 14.49 4.56
CA ASN A 223 -3.41 14.14 5.93
C ASN A 223 -4.73 14.79 6.34
N THR A 224 -5.59 14.04 7.04
CA THR A 224 -6.94 14.52 7.33
C THR A 224 -7.10 15.26 8.64
N VAL A 225 -6.06 15.38 9.47
CA VAL A 225 -6.24 16.03 10.77
C VAL A 225 -6.68 17.47 10.58
N SER A 226 -7.68 17.87 11.36
CA SER A 226 -8.25 19.20 11.33
C SER A 226 -8.32 19.70 12.76
N PRO A 227 -8.09 21.01 13.00
CA PRO A 227 -7.91 22.07 12.00
C PRO A 227 -6.47 22.28 11.59
N THR A 228 -5.52 21.49 12.08
CA THR A 228 -4.11 21.65 11.77
C THR A 228 -3.62 20.32 11.21
N GLN A 229 -3.37 20.29 9.90
CA GLN A 229 -2.88 19.07 9.26
CA GLN A 229 -2.88 19.10 9.24
C GLN A 229 -1.55 18.65 9.86
N GLN A 230 -1.35 17.33 9.91
CA GLN A 230 -0.16 16.74 10.52
C GLN A 230 0.69 16.02 9.47
N LYS A 231 1.96 15.79 9.81
CA LYS A 231 2.91 15.18 8.91
CA LYS A 231 2.93 15.18 8.91
C LYS A 231 2.97 13.67 9.05
N THR A 232 3.28 13.00 7.94
CA THR A 232 3.48 11.56 7.99
C THR A 232 4.76 11.21 8.74
N PHE A 233 4.84 9.94 9.11
CA PHE A 233 6.04 9.41 9.76
C PHE A 233 7.27 9.64 8.89
N PHE A 234 7.15 9.37 7.59
CA PHE A 234 8.28 9.59 6.69
C PHE A 234 8.67 11.05 6.65
N ASP A 235 7.70 11.96 6.52
CA ASP A 235 8.06 13.37 6.50
C ASP A 235 8.76 13.80 7.77
N ASN A 236 8.29 13.31 8.92
CA ASN A 236 8.95 13.68 10.16
C ASN A 236 10.34 13.09 10.28
N ALA A 237 10.57 11.89 9.74
CA ALA A 237 11.87 11.25 9.85
C ALA A 237 12.87 11.77 8.83
N LYS A 238 12.40 12.37 7.75
CA LYS A 238 13.20 12.46 6.53
C LYS A 238 14.53 13.17 6.75
N ALA A 239 14.51 14.28 7.47
CA ALA A 239 15.73 15.08 7.63
C ALA A 239 16.81 14.32 8.40
N SER A 240 16.40 13.37 9.26
CA SER A 240 17.35 12.59 10.04
CA SER A 240 17.37 12.60 10.03
C SER A 240 17.89 11.39 9.28
N LEU A 241 17.22 10.97 8.22
CA LEU A 241 17.60 9.77 7.51
C LEU A 241 18.90 9.96 6.74
N ASP A 242 19.67 8.88 6.61
CA ASP A 242 20.90 8.94 5.83
C ASP A 242 20.62 9.46 4.42
N SER A 243 19.53 8.99 3.80
CA SER A 243 19.05 9.45 2.51
CA SER A 243 19.05 9.47 2.53
C SER A 243 17.53 9.57 2.63
N PRO A 244 16.91 10.56 1.97
CA PRO A 244 15.47 10.81 2.19
C PRO A 244 14.59 9.89 1.36
N VAL A 245 14.63 8.60 1.68
CA VAL A 245 14.01 7.55 0.88
CA VAL A 245 14.09 7.61 0.86
C VAL A 245 13.41 6.50 1.80
N PHE A 246 12.43 5.77 1.29
CA PHE A 246 12.08 4.49 1.88
C PHE A 246 11.87 3.50 0.75
N THR A 247 11.94 2.21 1.06
CA THR A 247 11.78 1.19 0.04
C THR A 247 10.77 0.16 0.52
N ALA A 248 10.00 -0.34 -0.44
CA ALA A 248 9.03 -1.40 -0.22
C ALA A 248 9.46 -2.64 -0.98
N ASP A 249 9.60 -3.75 -0.25
CA ASP A 249 9.97 -5.04 -0.82
C ASP A 249 8.96 -6.05 -0.29
N LEU A 250 7.80 -6.10 -0.94
CA LEU A 250 6.70 -6.95 -0.47
C LEU A 250 6.91 -8.35 -1.04
N GLY A 251 6.67 -9.37 -0.20
CA GLY A 251 6.84 -10.74 -0.62
C GLY A 251 5.58 -11.35 -1.23
N TYR A 252 5.77 -12.34 -2.08
CA TYR A 252 4.68 -13.18 -2.56
C TYR A 252 4.65 -14.40 -1.65
N HIS A 253 3.59 -14.53 -0.84
CA HIS A 253 3.47 -15.66 0.06
C HIS A 253 4.69 -15.78 0.98
N ALA A 254 5.26 -14.66 1.39
CA ALA A 254 6.54 -14.67 2.06
C ALA A 254 6.72 -13.33 2.75
N PRO A 255 7.54 -13.27 3.79
CA PRO A 255 7.88 -11.97 4.38
C PRO A 255 8.67 -11.09 3.41
N GLY A 256 8.71 -9.82 3.75
CA GLY A 256 9.36 -8.80 2.97
C GLY A 256 9.85 -7.73 3.91
N THR A 257 10.20 -6.55 3.38
CA THR A 257 10.88 -5.54 4.17
C THR A 257 10.47 -4.14 3.74
N TYR A 258 10.27 -3.26 4.74
CA TYR A 258 10.27 -1.80 4.53
C TYR A 258 11.55 -1.26 5.14
N ASN A 259 12.34 -0.56 4.33
CA ASN A 259 13.53 0.12 4.82
C ASN A 259 13.35 1.63 4.71
N PHE A 260 13.91 2.35 5.68
CA PHE A 260 13.90 3.80 5.70
C PHE A 260 15.33 4.31 5.73
N GLY A 261 15.67 5.18 4.79
CA GLY A 261 16.92 5.91 4.83
C GLY A 261 18.05 5.30 4.05
N PHE A 262 17.85 4.15 3.42
CA PHE A 262 18.93 3.51 2.67
C PHE A 262 18.32 2.54 1.66
N ILE A 263 19.13 2.23 0.65
N ILE A 263 19.13 2.30 0.63
CA ILE A 263 18.74 1.30 -0.40
CA ILE A 263 18.88 1.31 -0.42
C ILE A 263 19.64 0.07 -0.30
C ILE A 263 19.70 0.06 -0.09
N ASP A 264 19.03 -1.07 0.05
CA ASP A 264 19.73 -2.34 0.22
C ASP A 264 20.03 -2.87 -1.17
N THR A 265 21.27 -2.70 -1.62
CA THR A 265 21.65 -3.10 -2.97
C THR A 265 21.70 -4.61 -3.15
N THR A 266 21.57 -5.40 -2.09
CA THR A 266 21.48 -6.85 -2.23
C THR A 266 20.04 -7.33 -2.42
N ALA A 267 19.05 -6.45 -2.36
CA ALA A 267 17.65 -6.85 -2.32
C ALA A 267 17.00 -6.91 -3.69
N TYR A 268 17.72 -6.60 -4.75
CA TYR A 268 17.16 -6.59 -6.09
C TYR A 268 18.22 -7.06 -7.06
N THR A 269 17.77 -7.36 -8.28
CA THR A 269 18.66 -7.73 -9.36
C THR A 269 18.72 -6.60 -10.38
N GLY A 270 19.76 -6.60 -11.19
CA GLY A 270 19.86 -5.55 -12.21
C GLY A 270 19.96 -4.17 -11.59
N SER A 271 19.43 -3.21 -12.32
CA SER A 271 19.48 -1.81 -11.87
CA SER A 271 19.46 -1.83 -11.85
C SER A 271 18.08 -1.32 -11.47
N ILE A 272 18.06 -0.23 -10.70
CA ILE A 272 16.82 0.46 -10.37
C ILE A 272 16.59 1.50 -11.45
N THR A 273 15.41 1.45 -12.09
CA THR A 273 15.03 2.48 -13.04
CA THR A 273 15.03 2.48 -13.05
C THR A 273 14.14 3.48 -12.34
N TYR A 274 14.54 4.74 -12.36
CA TYR A 274 13.79 5.80 -11.74
C TYR A 274 12.89 6.48 -12.76
N THR A 275 11.76 6.97 -12.28
CA THR A 275 10.75 7.57 -13.12
C THR A 275 10.12 8.74 -12.39
N ALA A 276 9.64 9.72 -13.16
CA ALA A 276 9.14 10.95 -12.56
C ALA A 276 7.85 10.73 -11.78
N VAL A 277 7.67 11.55 -10.74
CA VAL A 277 6.48 11.52 -9.88
C VAL A 277 5.78 12.86 -9.96
N SER A 278 4.46 12.83 -10.02
CA SER A 278 3.64 14.01 -9.79
C SER A 278 3.04 13.89 -8.40
N THR A 279 3.17 14.94 -7.60
CA THR A 279 2.55 14.98 -6.29
C THR A 279 1.25 15.80 -6.29
N LYS A 280 0.73 16.11 -7.48
CA LYS A 280 -0.40 17.04 -7.54
C LYS A 280 -1.67 16.48 -6.91
N GLN A 281 -1.81 15.17 -6.82
CA GLN A 281 -2.94 14.54 -6.14
C GLN A 281 -2.52 13.99 -4.78
N GLY A 282 -1.30 14.28 -4.33
CA GLY A 282 -0.82 13.80 -3.05
C GLY A 282 -0.34 12.38 -3.04
N PHE A 283 -0.27 11.72 -4.20
CA PHE A 283 0.12 10.32 -4.31
C PHE A 283 1.50 10.19 -4.95
N TRP A 284 2.07 8.98 -4.85
CA TRP A 284 3.25 8.61 -5.62
C TRP A 284 2.77 8.24 -7.02
N GLU A 285 2.48 9.28 -7.82
CA GLU A 285 1.83 9.13 -9.11
C GLU A 285 2.89 9.20 -10.20
N TRP A 286 2.83 8.27 -11.15
CA TRP A 286 3.86 8.13 -12.17
C TRP A 286 3.18 7.62 -13.44
N THR A 287 3.95 7.53 -14.52
CA THR A 287 3.42 7.08 -15.80
CA THR A 287 3.39 7.05 -15.77
C THR A 287 4.18 5.85 -16.28
N SER A 288 3.52 4.70 -16.28
CA SER A 288 4.09 3.51 -16.86
C SER A 288 4.12 3.67 -18.38
N THR A 289 5.12 3.06 -19.00
CA THR A 289 5.32 3.16 -20.43
C THR A 289 4.60 2.07 -21.22
N GLY A 290 3.94 1.12 -20.58
CA GLY A 290 3.10 0.20 -21.33
C GLY A 290 3.03 -1.15 -20.65
N TYR A 291 2.59 -2.15 -21.41
CA TYR A 291 2.37 -3.45 -20.80
C TYR A 291 2.50 -4.56 -21.83
N ALA A 292 2.63 -5.78 -21.32
CA ALA A 292 2.49 -6.99 -22.13
C ALA A 292 1.74 -8.03 -21.33
N VAL A 293 1.07 -8.93 -22.04
CA VAL A 293 0.34 -10.04 -21.44
CA VAL A 293 0.37 -10.04 -21.41
C VAL A 293 1.08 -11.32 -21.80
N GLY A 294 1.50 -12.08 -20.79
CA GLY A 294 2.23 -13.31 -21.05
C GLY A 294 3.45 -13.04 -21.91
N SER A 295 3.64 -13.88 -22.91
CA SER A 295 4.75 -13.74 -23.84
CA SER A 295 4.75 -13.74 -23.84
C SER A 295 4.42 -12.85 -25.03
N GLY A 296 3.30 -12.12 -24.96
CA GLY A 296 2.89 -11.26 -26.05
C GLY A 296 3.76 -10.03 -26.22
N THR A 297 3.54 -9.36 -27.34
CA THR A 297 4.34 -8.18 -27.63
CA THR A 297 4.28 -8.14 -27.68
C THR A 297 3.99 -7.04 -26.67
N PHE A 298 5.01 -6.26 -26.34
CA PHE A 298 4.81 -5.10 -25.46
C PHE A 298 4.08 -4.00 -26.20
N LYS A 299 3.05 -3.46 -25.55
CA LYS A 299 2.28 -2.34 -26.07
C LYS A 299 2.77 -1.08 -25.39
N SER A 300 3.35 -0.17 -26.18
CA SER A 300 3.84 1.10 -25.66
C SER A 300 2.67 2.06 -25.56
N THR A 301 2.31 2.45 -24.35
CA THR A 301 1.19 3.33 -24.10
C THR A 301 1.34 3.89 -22.70
N SER A 302 1.02 5.17 -22.52
CA SER A 302 1.21 5.81 -21.23
C SER A 302 0.07 5.45 -20.30
N ILE A 303 0.41 4.92 -19.12
CA ILE A 303 -0.58 4.58 -18.11
C ILE A 303 -0.23 5.34 -16.84
N ASP A 304 -0.98 6.40 -16.56
CA ASP A 304 -0.76 7.18 -15.37
CA ASP A 304 -0.78 7.18 -15.35
C ASP A 304 -1.41 6.44 -14.19
N GLY A 305 -0.65 6.25 -13.12
CA GLY A 305 -1.24 5.59 -11.98
C GLY A 305 -0.41 5.85 -10.74
N ILE A 306 -0.79 5.19 -9.63
CA ILE A 306 -0.14 5.45 -8.36
C ILE A 306 0.49 4.17 -7.82
N ALA A 307 1.62 4.31 -7.13
CA ALA A 307 2.22 3.20 -6.40
C ALA A 307 1.59 3.17 -5.02
N ASP A 308 0.74 2.16 -4.76
CA ASP A 308 -0.15 2.15 -3.58
C ASP A 308 -0.04 0.83 -2.84
N THR A 309 0.82 0.78 -1.80
CA THR A 309 0.98 -0.44 -1.03
C THR A 309 -0.27 -0.78 -0.23
N GLY A 310 -1.17 0.18 -0.03
CA GLY A 310 -2.38 -0.07 0.74
C GLY A 310 -3.57 -0.57 -0.05
N THR A 311 -3.42 -0.78 -1.35
CA THR A 311 -4.45 -1.40 -2.17
C THR A 311 -3.94 -2.74 -2.63
N THR A 312 -4.78 -3.79 -2.52
CA THR A 312 -4.30 -5.14 -2.79
C THR A 312 -4.05 -5.39 -4.27
N LEU A 313 -5.03 -5.03 -5.11
CA LEU A 313 -5.06 -5.45 -6.51
C LEU A 313 -4.41 -4.42 -7.43
N LEU A 314 -4.28 -4.82 -8.70
CA LEU A 314 -3.76 -3.98 -9.77
C LEU A 314 -4.97 -3.53 -10.59
N TYR A 315 -5.24 -2.21 -10.56
CA TYR A 315 -6.41 -1.61 -11.23
C TYR A 315 -5.93 -0.79 -12.42
N LEU A 316 -6.31 -1.21 -13.63
CA LEU A 316 -5.79 -0.63 -14.86
C LEU A 316 -6.93 -0.33 -15.79
N PRO A 317 -6.69 0.41 -16.89
CA PRO A 317 -7.78 0.76 -17.79
C PRO A 317 -8.48 -0.46 -18.35
N ALA A 318 -9.79 -0.30 -18.59
CA ALA A 318 -10.60 -1.40 -19.08
C ALA A 318 -10.02 -2.06 -20.31
N THR A 319 -9.43 -1.30 -21.23
CA THR A 319 -8.88 -1.93 -22.44
C THR A 319 -7.75 -2.89 -22.08
N VAL A 320 -6.90 -2.49 -21.14
CA VAL A 320 -5.74 -3.29 -20.75
C VAL A 320 -6.21 -4.56 -20.04
N VAL A 321 -7.17 -4.41 -19.14
CA VAL A 321 -7.66 -5.51 -18.35
C VAL A 321 -8.40 -6.52 -19.24
N SER A 322 -9.18 -6.02 -20.21
CA SER A 322 -9.82 -6.91 -21.17
C SER A 322 -8.79 -7.72 -21.95
N ALA A 323 -7.70 -7.06 -22.38
CA ALA A 323 -6.65 -7.76 -23.11
C ALA A 323 -6.01 -8.85 -22.26
N TYR A 324 -5.82 -8.59 -20.96
CA TYR A 324 -5.25 -9.62 -20.08
C TYR A 324 -6.19 -10.82 -19.96
N TRP A 325 -7.44 -10.60 -19.56
CA TRP A 325 -8.32 -11.71 -19.26
C TRP A 325 -8.73 -12.47 -20.50
N ALA A 326 -8.63 -11.86 -21.69
CA ALA A 326 -8.89 -12.57 -22.93
C ALA A 326 -7.93 -13.72 -23.14
N GLN A 327 -6.78 -13.71 -22.45
CA GLN A 327 -5.80 -14.79 -22.54
C GLN A 327 -6.04 -15.89 -21.52
N VAL A 328 -7.14 -15.84 -20.78
CA VAL A 328 -7.45 -16.84 -19.76
C VAL A 328 -8.76 -17.50 -20.17
N SER A 329 -8.68 -18.75 -20.60
N SER A 329 -8.61 -18.70 -20.62
CA SER A 329 -9.88 -19.41 -21.10
CA SER A 329 -9.80 -19.36 -21.11
C SER A 329 -10.93 -19.55 -20.00
C SER A 329 -10.85 -19.50 -20.01
N GLY A 330 -12.13 -19.08 -20.29
CA GLY A 330 -13.22 -19.15 -19.37
C GLY A 330 -13.35 -17.96 -18.45
N ALA A 331 -12.41 -17.00 -18.48
CA ALA A 331 -12.51 -15.83 -17.62
C ALA A 331 -13.62 -14.92 -18.11
N LYS A 332 -14.30 -14.27 -17.18
CA LYS A 332 -15.45 -13.41 -17.49
C LYS A 332 -15.49 -12.30 -16.47
N SER A 333 -16.03 -11.14 -16.88
CA SER A 333 -16.34 -10.10 -15.92
C SER A 333 -17.75 -10.33 -15.40
N SER A 334 -17.84 -10.46 -14.09
CA SER A 334 -19.05 -10.85 -13.43
C SER A 334 -19.57 -9.63 -12.69
N SER A 335 -20.72 -9.13 -13.13
N SER A 335 -20.64 -9.08 -13.14
CA SER A 335 -21.32 -8.00 -12.44
CA SER A 335 -21.24 -7.94 -12.45
C SER A 335 -21.71 -8.37 -11.01
C SER A 335 -21.63 -8.31 -11.03
N SER A 336 -22.17 -9.59 -10.79
CA SER A 336 -22.58 -9.99 -9.44
C SER A 336 -21.37 -10.06 -8.53
N VAL A 337 -20.27 -10.63 -9.01
CA VAL A 337 -19.10 -10.78 -8.16
C VAL A 337 -18.36 -9.45 -8.00
N GLY A 338 -18.37 -8.61 -9.03
CA GLY A 338 -17.71 -7.33 -8.96
C GLY A 338 -16.39 -7.22 -9.72
N GLY A 339 -16.14 -8.12 -10.66
CA GLY A 339 -15.07 -7.94 -11.61
C GLY A 339 -14.77 -9.25 -12.31
N TYR A 340 -13.57 -9.32 -12.85
CA TYR A 340 -13.15 -10.52 -13.56
C TYR A 340 -12.90 -11.67 -12.60
N VAL A 341 -13.45 -12.81 -12.98
CA VAL A 341 -13.26 -14.08 -12.30
C VAL A 341 -12.81 -15.08 -13.37
N PHE A 342 -12.24 -16.20 -12.91
CA PHE A 342 -11.69 -17.16 -13.84
C PHE A 342 -11.73 -18.55 -13.22
N PRO A 343 -11.70 -19.61 -14.03
CA PRO A 343 -11.77 -20.96 -13.47
C PRO A 343 -10.54 -21.22 -12.62
N CYS A 344 -10.75 -21.73 -11.41
CA CYS A 344 -9.61 -21.92 -10.50
C CYS A 344 -8.58 -22.89 -11.07
N SER A 345 -8.97 -23.74 -12.03
CA SER A 345 -8.05 -24.68 -12.67
C SER A 345 -7.14 -24.03 -13.70
N ALA A 346 -7.36 -22.76 -14.05
CA ALA A 346 -6.55 -22.13 -15.07
C ALA A 346 -5.13 -21.84 -14.55
N THR A 347 -4.18 -21.83 -15.48
CA THR A 347 -2.85 -21.30 -15.22
C THR A 347 -2.82 -19.90 -15.83
N LEU A 348 -2.55 -18.90 -15.02
CA LEU A 348 -2.65 -17.51 -15.47
C LEU A 348 -1.37 -17.05 -16.17
N PRO A 349 -1.48 -16.24 -17.21
CA PRO A 349 -0.29 -15.66 -17.82
C PRO A 349 0.27 -14.54 -16.95
N SER A 350 1.56 -14.27 -17.12
CA SER A 350 2.17 -13.12 -16.46
C SER A 350 1.61 -11.82 -17.03
N PHE A 351 1.92 -10.72 -16.33
CA PHE A 351 1.58 -9.39 -16.81
C PHE A 351 2.82 -8.53 -16.59
N THR A 352 3.27 -7.87 -17.65
CA THR A 352 4.46 -7.03 -17.58
C THR A 352 4.05 -5.56 -17.66
N PHE A 353 4.65 -4.72 -16.82
CA PHE A 353 4.46 -3.29 -16.96
C PHE A 353 5.79 -2.59 -17.17
N GLY A 354 5.75 -1.48 -17.90
CA GLY A 354 6.95 -0.73 -18.22
C GLY A 354 7.25 0.37 -17.22
N VAL A 355 8.54 0.53 -16.93
CA VAL A 355 9.05 1.65 -16.13
C VAL A 355 10.16 2.21 -17.00
N GLY A 356 9.90 3.32 -17.68
CA GLY A 356 10.85 3.72 -18.70
C GLY A 356 11.07 2.59 -19.69
N SER A 357 12.34 2.32 -20.03
CA SER A 357 12.66 1.18 -20.89
C SER A 357 12.73 -0.14 -20.14
N ALA A 358 12.61 -0.12 -18.82
CA ALA A 358 12.69 -1.35 -18.04
C ALA A 358 11.32 -2.01 -17.98
N ARG A 359 11.33 -3.27 -17.54
CA ARG A 359 10.11 -4.07 -17.53
C ARG A 359 10.03 -4.81 -16.21
N ILE A 360 8.87 -4.76 -15.56
CA ILE A 360 8.62 -5.53 -14.35
C ILE A 360 7.62 -6.61 -14.71
N VAL A 361 7.97 -7.87 -14.45
CA VAL A 361 7.11 -9.00 -14.79
C VAL A 361 6.40 -9.50 -13.53
N ILE A 362 5.07 -9.46 -13.56
CA ILE A 362 4.24 -10.03 -12.50
C ILE A 362 3.92 -11.46 -12.89
N PRO A 363 4.43 -12.47 -12.17
CA PRO A 363 4.09 -13.85 -12.52
C PRO A 363 2.58 -14.08 -12.44
N GLY A 364 2.09 -14.97 -13.29
CA GLY A 364 0.67 -15.27 -13.32
C GLY A 364 0.09 -15.64 -11.96
N ASP A 365 0.85 -16.42 -11.18
N ASP A 365 0.83 -16.43 -11.18
CA ASP A 365 0.33 -16.86 -9.89
CA ASP A 365 0.21 -16.84 -9.92
C ASP A 365 -0.01 -15.68 -8.97
C ASP A 365 0.02 -15.69 -8.93
N TYR A 366 0.67 -14.54 -9.15
CA TYR A 366 0.43 -13.39 -8.28
C TYR A 366 -0.97 -12.82 -8.52
N ILE A 367 -1.60 -13.19 -9.64
CA ILE A 367 -2.86 -12.61 -10.07
C ILE A 367 -4.05 -13.48 -9.62
N ASP A 368 -3.77 -14.59 -8.93
CA ASP A 368 -4.82 -15.49 -8.46
C ASP A 368 -5.18 -15.11 -7.02
N PHE A 369 -6.43 -14.70 -6.80
CA PHE A 369 -6.92 -14.37 -5.46
C PHE A 369 -7.91 -15.40 -4.92
N GLY A 370 -7.92 -16.59 -5.49
CA GLY A 370 -8.56 -17.71 -4.87
C GLY A 370 -10.07 -17.71 -5.07
N PRO A 371 -10.73 -18.75 -4.52
CA PRO A 371 -12.16 -18.91 -4.75
C PRO A 371 -12.97 -17.70 -4.32
N ILE A 372 -14.01 -17.41 -5.11
CA ILE A 372 -14.83 -16.22 -4.82
C ILE A 372 -15.59 -16.38 -3.52
N SER A 373 -15.87 -17.62 -3.12
CA SER A 373 -16.46 -17.96 -1.83
C SER A 373 -15.97 -19.36 -1.52
N THR A 374 -15.98 -19.72 -0.25
CA THR A 374 -15.38 -20.99 0.14
C THR A 374 -15.98 -22.15 -0.64
N GLY A 375 -15.11 -22.97 -1.22
CA GLY A 375 -15.53 -24.14 -1.96
C GLY A 375 -15.88 -23.88 -3.42
N SER A 376 -15.90 -22.63 -3.88
CA SER A 376 -16.21 -22.37 -5.27
C SER A 376 -15.01 -22.72 -6.16
N SER A 377 -15.30 -23.12 -7.39
CA SER A 377 -14.26 -23.31 -8.39
C SER A 377 -14.09 -22.10 -9.31
N SER A 378 -14.74 -20.98 -9.00
CA SER A 378 -14.48 -19.72 -9.67
CA SER A 378 -14.50 -19.71 -9.66
C SER A 378 -13.60 -18.88 -8.76
N CYS A 379 -12.56 -18.26 -9.35
CA CYS A 379 -11.54 -17.56 -8.60
C CYS A 379 -11.52 -16.07 -8.95
N PHE A 380 -11.15 -15.26 -7.97
CA PHE A 380 -11.14 -13.84 -8.21
CA PHE A 380 -11.09 -13.79 -8.05
C PHE A 380 -9.83 -13.40 -8.82
N GLY A 381 -9.93 -12.55 -9.85
CA GLY A 381 -8.73 -12.05 -10.52
C GLY A 381 -8.05 -10.91 -9.79
N GLY A 382 -6.73 -10.86 -9.92
CA GLY A 382 -5.93 -9.82 -9.28
C GLY A 382 -5.67 -8.59 -10.10
N ILE A 383 -6.13 -8.56 -11.35
CA ILE A 383 -6.07 -7.40 -12.24
C ILE A 383 -7.52 -7.05 -12.56
N GLN A 384 -7.90 -5.82 -12.26
CA GLN A 384 -9.30 -5.39 -12.40
C GLN A 384 -9.34 -4.02 -13.04
N SER A 385 -10.49 -3.68 -13.61
CA SER A 385 -10.66 -2.39 -14.26
C SER A 385 -10.67 -1.25 -13.24
N SER A 386 -9.99 -0.17 -13.60
CA SER A 386 -10.03 1.06 -12.82
C SER A 386 -11.16 2.00 -13.26
N ALA A 387 -12.00 1.59 -14.21
N ALA A 387 -12.02 1.56 -14.17
CA ALA A 387 -13.07 2.47 -14.65
CA ALA A 387 -12.99 2.46 -14.77
C ALA A 387 -13.95 2.85 -13.46
C ALA A 387 -13.81 3.22 -13.73
N GLY A 388 -14.18 4.15 -13.29
N GLY A 388 -14.26 2.54 -12.68
CA GLY A 388 -14.93 4.66 -12.16
CA GLY A 388 -15.05 3.18 -11.65
C GLY A 388 -14.10 5.06 -10.95
C GLY A 388 -14.28 3.94 -10.60
N ILE A 389 -12.98 4.37 -10.73
N ILE A 389 -12.95 4.02 -10.72
CA ILE A 389 -12.06 4.79 -9.67
CA ILE A 389 -12.11 4.62 -9.69
C ILE A 389 -11.55 6.19 -9.97
C ILE A 389 -11.72 6.05 -10.05
N GLY A 390 -11.33 6.49 -11.25
N GLY A 390 -11.31 6.28 -11.29
CA GLY A 390 -10.74 7.74 -11.63
CA GLY A 390 -10.81 7.57 -11.71
C GLY A 390 -9.23 7.77 -11.57
C GLY A 390 -9.29 7.68 -11.70
N ILE A 391 -8.60 6.67 -11.18
CA ILE A 391 -7.14 6.59 -11.19
CA ILE A 391 -7.14 6.59 -11.21
C ILE A 391 -6.76 5.12 -11.36
N ASN A 392 -5.63 4.89 -12.02
CA ASN A 392 -5.06 3.56 -12.08
C ASN A 392 -4.21 3.34 -10.84
N ILE A 393 -4.24 2.11 -10.31
CA ILE A 393 -3.60 1.81 -9.04
C ILE A 393 -2.67 0.62 -9.22
N PHE A 394 -1.37 0.87 -9.09
CA PHE A 394 -0.37 -0.20 -8.99
C PHE A 394 -0.31 -0.62 -7.53
N GLY A 395 -1.24 -1.51 -7.17
CA GLY A 395 -1.34 -2.02 -5.81
C GLY A 395 -0.37 -3.16 -5.57
N ASP A 396 -0.63 -3.90 -4.49
CA ASP A 396 0.31 -4.92 -4.04
C ASP A 396 0.64 -5.93 -5.12
N VAL A 397 -0.37 -6.33 -5.93
CA VAL A 397 -0.13 -7.30 -7.02
C VAL A 397 1.04 -6.87 -7.89
N ALA A 398 1.11 -5.58 -8.23
CA ALA A 398 2.21 -5.08 -9.04
C ALA A 398 3.46 -4.84 -8.21
N LEU A 399 3.30 -4.17 -7.05
CA LEU A 399 4.49 -3.75 -6.31
C LEU A 399 5.28 -4.94 -5.77
N LYS A 400 4.60 -6.04 -5.44
CA LYS A 400 5.31 -7.18 -4.87
C LYS A 400 6.19 -7.87 -5.88
N ALA A 401 6.03 -7.57 -7.17
CA ALA A 401 6.93 -8.10 -8.19
C ALA A 401 8.20 -7.27 -8.33
N ALA A 402 8.36 -6.22 -7.53
CA ALA A 402 9.48 -5.31 -7.67
C ALA A 402 10.06 -4.94 -6.32
N PHE A 403 11.28 -4.41 -6.37
CA PHE A 403 11.86 -3.63 -5.28
C PHE A 403 11.58 -2.18 -5.63
N VAL A 404 10.88 -1.47 -4.75
CA VAL A 404 10.35 -0.15 -5.09
C VAL A 404 10.96 0.91 -4.17
N VAL A 405 11.54 1.94 -4.78
CA VAL A 405 12.14 3.03 -4.05
C VAL A 405 11.20 4.22 -4.11
N PHE A 406 10.84 4.73 -2.94
CA PHE A 406 10.05 5.95 -2.78
C PHE A 406 11.05 7.04 -2.40
N ASN A 407 11.49 7.81 -3.39
N ASN A 407 11.50 7.79 -3.40
CA ASN A 407 12.54 8.80 -3.21
CA ASN A 407 12.53 8.80 -3.18
C ASN A 407 11.90 10.14 -2.86
C ASN A 407 11.90 10.13 -2.84
N GLY A 408 12.05 10.54 -1.60
CA GLY A 408 11.47 11.78 -1.11
C GLY A 408 12.42 12.96 -1.09
N ALA A 409 13.37 12.97 -2.02
CA ALA A 409 14.16 14.17 -2.27
C ALA A 409 13.26 15.35 -2.67
N THR A 410 13.89 16.53 -2.77
CA THR A 410 13.14 17.76 -3.05
C THR A 410 12.21 17.61 -4.24
N THR A 411 12.69 16.99 -5.31
CA THR A 411 11.81 16.53 -6.38
C THR A 411 11.66 15.02 -6.24
N PRO A 412 10.53 14.51 -5.73
CA PRO A 412 10.40 13.06 -5.52
C PRO A 412 10.42 12.29 -6.84
N THR A 413 10.92 11.06 -6.77
CA THR A 413 10.88 10.12 -7.89
C THR A 413 10.55 8.73 -7.35
N LEU A 414 10.25 7.78 -8.25
CA LEU A 414 10.02 6.39 -7.88
C LEU A 414 11.04 5.56 -8.62
N GLY A 415 11.56 4.55 -7.95
CA GLY A 415 12.46 3.60 -8.58
C GLY A 415 11.86 2.21 -8.54
N PHE A 416 12.06 1.44 -9.61
CA PHE A 416 11.63 0.05 -9.65
C PHE A 416 12.79 -0.82 -10.13
N ALA A 417 13.01 -1.93 -9.45
CA ALA A 417 13.92 -2.97 -9.89
C ALA A 417 13.25 -4.31 -9.80
N SER A 418 13.65 -5.22 -10.69
CA SER A 418 13.29 -6.62 -10.54
C SER A 418 14.01 -7.20 -9.32
N LYS A 419 13.54 -8.36 -8.85
CA LYS A 419 14.13 -8.93 -7.66
C LYS A 419 14.02 -10.44 -7.66
C1 GOL B . 10.71 -10.41 -9.87
O1 GOL B . 10.97 -9.10 -10.31
C2 GOL B . 9.33 -10.88 -10.44
O2 GOL B . 9.38 -10.93 -11.82
C3 GOL B . 9.06 -12.28 -9.79
O3 GOL B . 10.01 -13.18 -10.25
CAA TW0 C . -9.51 -4.28 1.56
CAB TW0 C . -9.23 -3.78 0.14
CAC TW0 C . -7.73 -3.57 -0.07
CAD TW0 C . -7.18 -2.63 1.01
CAF TW0 C . -8.90 -3.33 2.58
CAK TW0 C . -10.22 -6.32 -2.17
CAL TW0 C . -9.41 -5.93 -1.18
CAM TW0 C . -10.21 -7.52 -2.79
CAO TW0 C . -11.26 -9.10 -4.26
CAP TW0 C . -10.22 -9.99 -4.05
CAQ TW0 C . -9.18 -9.65 -3.21
CAR TW0 C . -9.18 -8.41 -2.58
NAE TW0 C . -7.46 -3.17 2.35
NAH TW0 C . -9.78 -4.68 -0.87
NAI TW0 C . -10.80 -4.32 -1.67
NAJ TW0 C . -11.06 -5.36 -2.47
NAN TW0 C . -11.22 -7.86 -3.61
OAG TW0 C . -7.46 -3.06 -1.40
CAA TW0 D . -6.34 5.12 -3.90
CAB TW0 D . -6.99 4.11 -2.99
CAC TW0 D . -7.59 4.81 -1.78
CAD TW0 D . -6.48 5.55 -1.05
CAF TW0 D . -5.25 5.84 -3.12
CAK TW0 D . -9.53 1.94 -4.34
CAL TW0 D . -8.44 2.10 -3.55
CAM TW0 D . -10.25 0.80 -4.57
CAO TW0 D . -10.80 -1.45 -3.94
CAP TW0 D . -11.80 -1.49 -4.90
CAQ TW0 D . -12.06 -0.39 -5.69
CAR TW0 D . -11.29 0.78 -5.50
NAE TW0 D . -5.82 6.53 -1.95
NAH TW0 D . -8.05 3.38 -3.69
NAI TW0 D . -8.95 4.02 -4.46
NAJ TW0 D . -9.83 3.11 -4.89
NAN TW0 D . -10.04 -0.27 -3.77
OAG TW0 D . -8.21 3.89 -0.89
#